data_5CQY
#
_entry.id   5CQY
#
_cell.length_a   52.170
_cell.length_b   52.170
_cell.length_c   197.590
_cell.angle_alpha   90.00
_cell.angle_beta   90.00
_cell.angle_gamma   120.00
#
_symmetry.space_group_name_H-M   'P 61'
#
loop_
_entity.id
_entity.type
_entity.pdbx_description
1 polymer 'Endoribonuclease MazF'
2 polymer 'Antitoxin MazE'
3 water water
#
loop_
_entity_poly.entity_id
_entity_poly.type
_entity_poly.pdbx_seq_one_letter_code
_entity_poly.pdbx_strand_id
1 'polypeptide(L)'
;MVSRYVPDMGDLIWVDFDPTKGSAQAGHRPAVVLSPFMYNNKTGMCLCVPCTTQSKGYPFEVVLSGQERDGVALADQVKS
IAWRARGATKKGTVAPEELQLIKAKINVLIGLSHHHHHH
;
A,B
2 'polypeptide(L)' HENIDWGEPKDKEVW C
#
# COMPACT_ATOMS: atom_id res chain seq x y z
N VAL A 2 -29.20 -10.99 6.12
CA VAL A 2 -28.52 -9.82 5.57
C VAL A 2 -27.24 -10.23 4.84
N SER A 3 -27.03 -9.67 3.66
CA SER A 3 -25.78 -9.88 2.94
C SER A 3 -24.86 -8.65 3.00
N ARG A 4 -23.60 -8.89 3.35
CA ARG A 4 -22.65 -7.82 3.65
C ARG A 4 -22.26 -6.97 2.46
N TYR A 5 -21.97 -5.70 2.74
CA TYR A 5 -21.49 -4.77 1.74
C TYR A 5 -20.05 -5.13 1.43
N VAL A 6 -19.76 -5.26 0.14
CA VAL A 6 -18.42 -5.56 -0.34
C VAL A 6 -17.85 -4.37 -1.07
N PRO A 7 -16.74 -3.83 -0.58
CA PRO A 7 -16.05 -2.71 -1.22
C PRO A 7 -15.84 -2.97 -2.71
N ASP A 8 -15.92 -1.91 -3.51
CA ASP A 8 -15.59 -1.99 -4.92
C ASP A 8 -14.67 -0.83 -5.32
N MET A 9 -14.10 -0.94 -6.52
CA MET A 9 -13.18 0.07 -7.01
C MET A 9 -13.86 1.43 -7.03
N GLY A 10 -13.24 2.40 -6.37
CA GLY A 10 -13.79 3.74 -6.37
C GLY A 10 -14.62 4.07 -5.13
N ASP A 11 -15.11 3.05 -4.46
CA ASP A 11 -15.92 3.28 -3.27
C ASP A 11 -15.15 4.11 -2.24
N LEU A 12 -15.85 5.04 -1.60
CA LEU A 12 -15.30 5.69 -0.41
C LEU A 12 -15.88 4.96 0.79
N ILE A 13 -15.01 4.55 1.71
CA ILE A 13 -15.46 3.73 2.80
C ILE A 13 -15.05 4.27 4.15
N TRP A 14 -15.72 3.76 5.17
CA TRP A 14 -15.44 4.13 6.53
C TRP A 14 -14.84 2.86 7.16
N VAL A 15 -13.65 2.97 7.72
CA VAL A 15 -13.01 1.78 8.32
C VAL A 15 -12.54 2.03 9.75
N ASP A 16 -12.45 0.96 10.53
CA ASP A 16 -12.24 1.07 11.98
C ASP A 16 -10.96 0.40 12.47
N PHE A 17 -10.26 1.07 13.38
CA PHE A 17 -8.98 0.59 13.90
C PHE A 17 -8.81 0.87 15.40
N ASP A 18 -7.79 0.26 16.01
CA ASP A 18 -7.54 0.39 17.44
C ASP A 18 -6.22 1.11 17.78
N PRO A 19 -6.31 2.28 18.43
CA PRO A 19 -7.53 2.97 18.81
C PRO A 19 -7.58 4.33 18.15
N GLY A 27 -10.87 4.94 16.78
CA GLY A 27 -10.70 5.79 15.61
C GLY A 27 -11.33 5.23 14.35
N HIS A 28 -11.91 6.09 13.52
CA HIS A 28 -12.49 5.64 12.26
C HIS A 28 -12.00 6.55 11.17
N ARG A 29 -11.79 6.04 9.99
CA ARG A 29 -11.19 6.81 8.92
C ARG A 29 -11.88 6.49 7.59
N PRO A 30 -12.02 7.50 6.73
CA PRO A 30 -12.45 7.25 5.34
C PRO A 30 -11.26 6.80 4.51
N ALA A 31 -11.52 5.99 3.49
CA ALA A 31 -10.48 5.58 2.57
C ALA A 31 -11.10 5.36 1.20
N VAL A 32 -10.27 5.50 0.16
CA VAL A 32 -10.70 5.19 -1.20
C VAL A 32 -10.22 3.80 -1.64
N VAL A 33 -11.12 2.98 -2.15
CA VAL A 33 -10.81 1.61 -2.53
C VAL A 33 -10.23 1.54 -3.94
N LEU A 34 -8.99 1.06 -4.05
CA LEU A 34 -8.31 0.92 -5.34
C LEU A 34 -8.42 -0.41 -6.07
N SER A 35 -8.68 -1.47 -5.32
CA SER A 35 -8.76 -2.81 -5.90
C SER A 35 -10.19 -3.12 -6.36
N PRO A 36 -10.32 -3.99 -7.37
CA PRO A 36 -11.60 -4.46 -7.93
C PRO A 36 -12.37 -5.48 -7.07
N PHE A 37 -13.67 -5.53 -7.31
CA PHE A 37 -14.60 -6.34 -6.55
C PHE A 37 -14.19 -7.81 -6.39
N MET A 38 -13.82 -8.45 -7.48
CA MET A 38 -13.44 -9.84 -7.43
C MET A 38 -12.41 -10.09 -6.35
N TYR A 39 -11.30 -9.39 -6.43
CA TYR A 39 -10.26 -9.49 -5.41
C TYR A 39 -10.75 -9.23 -4.00
N ASN A 40 -11.36 -8.05 -3.79
CA ASN A 40 -11.85 -7.64 -2.47
C ASN A 40 -12.80 -8.67 -1.86
N ASN A 41 -13.72 -9.18 -2.67
CA ASN A 41 -14.65 -10.21 -2.19
C ASN A 41 -13.98 -11.54 -1.86
N LYS A 42 -13.13 -12.04 -2.74
CA LYS A 42 -12.43 -13.30 -2.54
C LYS A 42 -11.52 -13.32 -1.35
N THR A 43 -10.77 -12.25 -1.17
CA THR A 43 -9.77 -12.21 -0.10
C THR A 43 -10.23 -11.58 1.23
N GLY A 44 -11.36 -10.88 1.22
CA GLY A 44 -11.82 -10.16 2.39
C GLY A 44 -10.81 -9.08 2.73
N MET A 45 -10.19 -8.56 1.68
CA MET A 45 -9.13 -7.55 1.80
C MET A 45 -9.21 -6.55 0.63
N CYS A 46 -8.59 -5.40 0.78
CA CYS A 46 -8.53 -4.49 -0.36
C CYS A 46 -7.37 -3.52 -0.28
N LEU A 47 -7.02 -2.96 -1.43
CA LEU A 47 -6.08 -1.84 -1.47
C LEU A 47 -6.81 -0.50 -1.47
N CYS A 48 -6.33 0.44 -0.67
CA CYS A 48 -7.01 1.71 -0.55
C CYS A 48 -6.06 2.82 -0.11
N VAL A 49 -6.49 4.06 -0.27
CA VAL A 49 -5.73 5.17 0.28
C VAL A 49 -6.55 5.93 1.33
N PRO A 50 -5.90 6.37 2.40
CA PRO A 50 -6.60 7.06 3.48
C PRO A 50 -6.97 8.50 3.12
N CYS A 51 -8.08 8.97 3.68
CA CYS A 51 -8.53 10.34 3.46
C CYS A 51 -8.50 11.11 4.75
N THR A 52 -8.44 12.42 4.63
CA THR A 52 -8.62 13.33 5.75
C THR A 52 -9.34 14.57 5.24
N THR A 53 -9.85 15.37 6.18
CA THR A 53 -10.49 16.64 5.86
C THR A 53 -9.47 17.76 5.85
N GLN A 54 -8.28 17.46 6.35
CA GLN A 54 -7.22 18.45 6.42
C GLN A 54 -6.38 18.40 5.16
N SER A 55 -6.45 19.45 4.36
CA SER A 55 -5.61 19.58 3.18
C SER A 55 -4.48 20.55 3.47
N LYS A 56 -3.26 20.00 3.55
CA LYS A 56 -2.07 20.80 3.83
C LYS A 56 -1.28 21.15 2.57
N GLY A 57 -1.70 20.61 1.43
CA GLY A 57 -1.02 20.87 0.16
C GLY A 57 0.22 20.05 -0.16
N TYR A 58 0.24 18.81 0.34
CA TYR A 58 1.34 17.89 0.02
C TYR A 58 1.28 17.46 -1.44
N PRO A 59 2.46 17.17 -2.03
CA PRO A 59 2.52 16.79 -3.45
C PRO A 59 1.59 15.63 -3.83
N PHE A 60 1.42 14.64 -2.95
CA PHE A 60 0.60 13.47 -3.28
C PHE A 60 -0.88 13.54 -2.86
N GLU A 61 -1.30 14.67 -2.31
CA GLU A 61 -2.72 14.87 -2.00
C GLU A 61 -3.56 14.93 -3.26
N VAL A 62 -4.76 14.37 -3.19
CA VAL A 62 -5.79 14.58 -4.20
C VAL A 62 -7.07 15.11 -3.55
N VAL A 63 -7.51 16.28 -4.00
CA VAL A 63 -8.76 16.88 -3.52
C VAL A 63 -9.96 15.97 -3.80
N LEU A 64 -10.74 15.71 -2.75
CA LEU A 64 -12.02 15.04 -2.90
C LEU A 64 -13.09 16.11 -2.68
N SER A 65 -13.85 16.43 -3.73
CA SER A 65 -14.84 17.51 -3.64
C SER A 65 -16.25 17.00 -3.27
N GLY A 66 -16.68 17.33 -2.05
CA GLY A 66 -17.99 16.95 -1.58
C GLY A 66 -18.84 18.19 -1.54
N GLN A 67 -19.93 18.16 -0.78
CA GLN A 67 -20.77 19.33 -0.67
C GLN A 67 -20.03 20.40 0.14
N GLU A 68 -19.85 21.58 -0.46
CA GLU A 68 -19.12 22.69 0.15
C GLU A 68 -17.63 22.44 0.15
N GLY A 71 -12.07 17.58 1.87
CA GLY A 71 -11.20 16.45 2.18
C GLY A 71 -10.10 16.22 1.17
N VAL A 72 -9.04 15.53 1.58
CA VAL A 72 -7.95 15.15 0.67
C VAL A 72 -7.64 13.64 0.77
N ALA A 73 -7.43 12.99 -0.36
CA ALA A 73 -6.93 11.61 -0.38
C ALA A 73 -5.41 11.61 -0.47
N LEU A 74 -4.76 10.86 0.42
CA LEU A 74 -3.30 10.79 0.37
C LEU A 74 -2.90 9.61 -0.51
N ALA A 75 -2.44 9.91 -1.71
CA ALA A 75 -2.22 8.85 -2.69
C ALA A 75 -0.96 8.01 -2.43
N ASP A 76 0.03 8.55 -1.72
CA ASP A 76 1.28 7.83 -1.39
C ASP A 76 1.10 6.88 -0.22
N GLN A 77 -0.06 6.96 0.41
CA GLN A 77 -0.34 6.26 1.65
C GLN A 77 -1.05 4.93 1.49
N VAL A 78 -0.95 4.34 0.29
CA VAL A 78 -1.57 3.04 -0.01
C VAL A 78 -1.33 1.98 1.05
N LYS A 79 -2.39 1.23 1.34
CA LYS A 79 -2.36 0.26 2.42
C LYS A 79 -3.30 -0.87 2.06
N SER A 80 -2.88 -2.10 2.34
CA SER A 80 -3.77 -3.27 2.23
C SER A 80 -4.48 -3.41 3.55
N ILE A 81 -5.80 -3.52 3.51
CA ILE A 81 -6.55 -3.64 4.75
C ILE A 81 -7.53 -4.78 4.67
N ALA A 82 -7.82 -5.42 5.80
CA ALA A 82 -8.78 -6.49 5.76
C ALA A 82 -10.08 -5.77 6.03
N TRP A 83 -10.87 -5.60 4.97
CA TRP A 83 -12.00 -4.69 5.06
C TRP A 83 -13.12 -5.40 5.78
N ARG A 84 -13.19 -6.71 5.57
CA ARG A 84 -14.22 -7.55 6.14
C ARG A 84 -14.12 -7.52 7.63
N ALA A 85 -12.91 -7.68 8.14
CA ALA A 85 -12.66 -7.79 9.56
C ALA A 85 -12.72 -6.44 10.29
N ARG A 86 -12.48 -5.36 9.55
CA ARG A 86 -12.48 -4.02 10.13
C ARG A 86 -13.86 -3.34 10.04
N GLY A 87 -14.86 -4.06 9.53
CA GLY A 87 -16.20 -3.55 9.42
C GLY A 87 -16.38 -2.34 8.50
N ALA A 88 -15.82 -2.42 7.31
CA ALA A 88 -15.93 -1.35 6.35
C ALA A 88 -17.38 -1.12 5.91
N THR A 89 -17.81 0.13 5.94
CA THR A 89 -19.12 0.52 5.44
C THR A 89 -18.98 1.58 4.32
N LYS A 90 -20.00 1.69 3.47
CA LYS A 90 -19.90 2.59 2.33
C LYS A 90 -20.39 3.99 2.67
N LYS A 91 -19.47 4.96 2.57
CA LYS A 91 -19.75 6.39 2.74
C LYS A 91 -20.25 7.08 1.45
N GLY A 92 -19.73 6.63 0.31
CA GLY A 92 -20.07 7.20 -0.99
C GLY A 92 -19.19 6.64 -2.09
N THR A 93 -19.05 7.38 -3.20
CA THR A 93 -18.18 6.96 -4.30
C THR A 93 -17.43 8.15 -4.92
N VAL A 94 -16.16 7.94 -5.25
CA VAL A 94 -15.40 8.98 -5.91
C VAL A 94 -15.79 9.11 -7.39
N ALA A 95 -15.58 10.30 -7.93
CA ALA A 95 -15.85 10.53 -9.34
C ALA A 95 -14.71 9.94 -10.15
N PRO A 96 -15.04 9.33 -11.30
CA PRO A 96 -14.06 8.61 -12.11
C PRO A 96 -12.76 9.41 -12.34
N GLU A 97 -12.89 10.72 -12.47
CA GLU A 97 -11.71 11.57 -12.67
C GLU A 97 -10.81 11.56 -11.42
N GLU A 98 -11.44 11.47 -10.26
CA GLU A 98 -10.71 11.46 -8.99
C GLU A 98 -9.96 10.12 -8.80
N LEU A 99 -10.61 9.02 -9.17
CA LEU A 99 -9.92 7.72 -9.13
C LEU A 99 -8.75 7.75 -10.13
N GLN A 100 -9.03 8.14 -11.38
CA GLN A 100 -7.98 8.28 -12.38
C GLN A 100 -6.78 9.04 -11.83
N LEU A 101 -7.02 9.95 -10.92
CA LEU A 101 -5.98 10.81 -10.49
C LEU A 101 -5.17 10.21 -9.38
N ILE A 102 -5.85 9.65 -8.42
CA ILE A 102 -5.16 8.92 -7.37
C ILE A 102 -4.24 7.90 -8.02
N LYS A 103 -4.77 7.14 -8.98
CA LYS A 103 -3.98 6.14 -9.70
C LYS A 103 -2.77 6.79 -10.36
N ALA A 104 -3.02 7.88 -11.07
CA ALA A 104 -1.96 8.58 -11.78
C ALA A 104 -0.78 8.94 -10.86
N LYS A 105 -1.07 9.29 -9.61
CA LYS A 105 -0.03 9.68 -8.67
C LYS A 105 0.68 8.45 -8.08
N ILE A 106 -0.09 7.44 -7.70
CA ILE A 106 0.48 6.18 -7.29
C ILE A 106 1.43 5.69 -8.40
N ASN A 107 0.98 5.80 -9.65
CA ASN A 107 1.79 5.41 -10.78
C ASN A 107 3.15 6.09 -10.76
N VAL A 108 3.17 7.33 -10.28
CA VAL A 108 4.44 8.04 -10.18
C VAL A 108 5.39 7.39 -9.18
N LEU A 109 4.95 7.22 -7.94
CA LEU A 109 5.79 6.63 -6.89
C LEU A 109 6.32 5.27 -7.29
N ILE A 110 5.73 4.72 -8.28
CA ILE A 110 6.11 3.42 -8.64
C ILE A 110 6.59 3.43 -10.07
N GLY A 111 5.71 3.05 -10.97
CA GLY A 111 6.11 2.80 -12.34
C GLY A 111 5.14 1.85 -13.02
N LEU A 112 5.56 1.30 -14.15
CA LEU A 112 4.75 0.37 -14.91
C LEU A 112 5.54 -0.17 -16.10
N VAL B 2 28.24 10.21 10.74
CA VAL B 2 27.49 9.11 10.13
C VAL B 2 26.36 9.60 9.24
N SER B 3 26.11 8.86 8.16
CA SER B 3 25.01 9.14 7.23
C SER B 3 24.12 7.92 7.15
N ARG B 4 22.87 8.06 7.56
CA ARG B 4 21.98 6.93 7.67
C ARG B 4 21.72 6.28 6.31
N TYR B 5 21.35 5.01 6.33
CA TYR B 5 21.01 4.32 5.09
C TYR B 5 19.67 4.80 4.58
N VAL B 6 19.63 5.26 3.33
CA VAL B 6 18.37 5.63 2.70
C VAL B 6 17.96 4.63 1.63
N PRO B 7 16.83 3.94 1.86
CA PRO B 7 16.25 2.99 0.92
C PRO B 7 16.09 3.57 -0.48
N ASP B 8 16.52 2.80 -1.46
CA ASP B 8 16.27 3.15 -2.85
C ASP B 8 15.38 2.08 -3.48
N MET B 9 14.69 2.48 -4.53
CA MET B 9 13.80 1.57 -5.23
C MET B 9 14.54 0.25 -5.55
N GLY B 10 13.93 -0.88 -5.19
CA GLY B 10 14.52 -2.16 -5.50
C GLY B 10 15.31 -2.75 -4.33
N ASP B 11 15.59 -1.95 -3.31
CA ASP B 11 16.38 -2.44 -2.20
C ASP B 11 15.55 -3.41 -1.38
N LEU B 12 16.24 -4.35 -0.75
CA LEU B 12 15.60 -5.27 0.17
C LEU B 12 16.02 -4.79 1.56
N ILE B 13 15.05 -4.50 2.40
CA ILE B 13 15.37 -3.95 3.71
C ILE B 13 14.85 -4.79 4.85
N TRP B 14 15.33 -4.49 6.01
CA TRP B 14 14.81 -5.09 7.17
C TRP B 14 14.21 -4.06 8.05
N VAL B 15 12.98 -4.28 8.45
CA VAL B 15 12.24 -3.36 9.34
C VAL B 15 11.66 -4.12 10.52
N ASP B 16 11.71 -3.51 11.71
CA ASP B 16 11.13 -4.11 12.90
C ASP B 16 9.70 -3.62 13.13
N PHE B 17 9.07 -4.11 14.19
CA PHE B 17 7.73 -3.66 14.57
C PHE B 17 7.57 -3.72 16.09
N HIS B 28 10.27 -7.73 13.18
CA HIS B 28 11.46 -8.07 12.40
C HIS B 28 11.08 -8.78 11.10
N ARG B 29 10.96 -7.98 10.03
CA ARG B 29 10.40 -8.43 8.75
C ARG B 29 11.23 -7.86 7.59
N PRO B 30 11.44 -8.64 6.51
CA PRO B 30 11.99 -8.12 5.24
C PRO B 30 10.94 -7.48 4.31
N ALA B 31 11.35 -6.51 3.51
CA ALA B 31 10.43 -5.87 2.57
C ALA B 31 11.15 -5.40 1.32
N VAL B 32 10.44 -5.42 0.20
CA VAL B 32 10.98 -4.84 -1.02
C VAL B 32 10.49 -3.40 -1.18
N VAL B 33 11.43 -2.47 -1.35
CA VAL B 33 11.11 -1.05 -1.45
C VAL B 33 10.77 -0.66 -2.87
N LEU B 34 9.52 -0.22 -3.10
CA LEU B 34 9.07 0.10 -4.46
C LEU B 34 9.18 1.56 -4.87
N SER B 35 9.33 2.45 -3.90
CA SER B 35 9.33 3.87 -4.20
C SER B 35 10.73 4.42 -4.38
N PRO B 36 10.85 5.52 -5.14
CA PRO B 36 12.09 6.20 -5.53
C PRO B 36 12.88 6.73 -4.34
N PHE B 37 14.16 6.98 -4.57
CA PHE B 37 15.04 7.48 -3.51
C PHE B 37 14.75 8.94 -3.12
N MET B 38 14.54 9.80 -4.10
CA MET B 38 14.20 11.19 -3.83
C MET B 38 13.03 11.26 -2.84
N TYR B 39 11.97 10.49 -3.11
CA TYR B 39 10.81 10.40 -2.23
C TYR B 39 11.09 9.88 -0.83
N ASN B 40 11.65 8.68 -0.75
CA ASN B 40 11.98 8.07 0.53
C ASN B 40 12.82 9.01 1.40
N ASN B 41 13.72 9.73 0.77
CA ASN B 41 14.64 10.58 1.48
C ASN B 41 14.01 11.87 1.96
N LYS B 42 13.12 12.41 1.14
CA LYS B 42 12.38 13.63 1.44
C LYS B 42 11.35 13.41 2.56
N THR B 43 10.55 12.36 2.43
CA THR B 43 9.44 12.09 3.33
C THR B 43 9.76 11.16 4.50
N GLY B 44 10.92 10.51 4.46
CA GLY B 44 11.27 9.52 5.48
C GLY B 44 10.32 8.33 5.51
N MET B 45 9.66 8.08 4.38
CA MET B 45 8.75 6.95 4.24
C MET B 45 9.01 6.27 2.90
N CYS B 46 8.48 5.06 2.75
CA CYS B 46 8.50 4.37 1.46
C CYS B 46 7.34 3.41 1.31
N LEU B 47 6.96 3.16 0.06
CA LEU B 47 6.06 2.07 -0.30
C LEU B 47 6.78 0.73 -0.37
N CYS B 48 6.28 -0.24 0.39
CA CYS B 48 6.96 -1.50 0.50
C CYS B 48 6.03 -2.67 0.27
N VAL B 49 6.60 -3.82 -0.10
CA VAL B 49 5.84 -5.07 -0.02
C VAL B 49 6.56 -6.06 0.87
N PRO B 50 5.78 -6.78 1.70
CA PRO B 50 6.36 -7.64 2.74
C PRO B 50 6.87 -8.96 2.17
N CYS B 51 7.91 -9.51 2.78
CA CYS B 51 8.48 -10.77 2.29
C CYS B 51 8.31 -11.89 3.32
N THR B 52 8.08 -13.10 2.84
CA THR B 52 7.87 -14.24 3.72
C THR B 52 8.72 -15.45 3.33
N THR B 53 8.83 -16.39 4.26
CA THR B 53 9.69 -17.57 4.09
C THR B 53 9.08 -18.63 3.20
N GLN B 54 7.79 -18.92 3.40
CA GLN B 54 7.14 -19.99 2.66
C GLN B 54 6.04 -19.48 1.71
N SER B 55 6.18 -19.82 0.44
CA SER B 55 5.20 -19.47 -0.58
C SER B 55 4.02 -20.42 -0.50
N LYS B 56 2.83 -19.87 -0.27
CA LYS B 56 1.64 -20.70 -0.08
C LYS B 56 0.89 -20.98 -1.39
N GLY B 57 1.38 -20.42 -2.49
CA GLY B 57 0.77 -20.69 -3.79
C GLY B 57 -0.13 -19.60 -4.34
N TYR B 58 -0.41 -18.58 -3.53
CA TYR B 58 -1.20 -17.44 -3.97
C TYR B 58 -0.61 -16.80 -5.23
N PRO B 59 -1.47 -16.27 -6.10
CA PRO B 59 -1.19 -15.59 -7.37
C PRO B 59 -0.47 -14.22 -7.27
N PHE B 60 -0.44 -13.60 -6.10
CA PHE B 60 0.30 -12.35 -5.93
C PHE B 60 1.71 -12.54 -5.34
N GLU B 61 2.10 -13.78 -5.15
CA GLU B 61 3.46 -14.10 -4.75
C GLU B 61 4.45 -13.86 -5.88
N VAL B 62 5.63 -13.34 -5.52
CA VAL B 62 6.76 -13.19 -6.43
C VAL B 62 8.05 -13.72 -5.77
N VAL B 63 8.61 -14.79 -6.33
CA VAL B 63 9.79 -15.42 -5.73
C VAL B 63 11.01 -14.52 -5.78
N LEU B 64 11.71 -14.45 -4.65
CA LEU B 64 12.97 -13.73 -4.56
C LEU B 64 14.05 -14.80 -4.58
N SER B 65 14.80 -14.85 -5.69
CA SER B 65 15.71 -15.97 -5.92
C SER B 65 17.09 -15.66 -5.35
N GLY B 66 17.45 -16.38 -4.29
CA GLY B 66 18.71 -16.16 -3.62
C GLY B 66 19.75 -17.10 -4.18
N GLN B 67 21.00 -16.75 -4.00
CA GLN B 67 22.06 -17.57 -4.54
C GLN B 67 22.14 -18.90 -3.81
N GLU B 68 21.63 -18.94 -2.60
CA GLU B 68 21.49 -20.17 -1.83
C GLU B 68 20.04 -20.67 -1.78
N ARG B 69 19.16 -19.91 -1.15
CA ARG B 69 17.75 -20.29 -1.05
C ARG B 69 16.87 -19.15 -1.54
N ASP B 70 15.56 -19.33 -1.49
CA ASP B 70 14.63 -18.36 -2.07
C ASP B 70 13.62 -17.80 -1.06
N GLY B 71 12.98 -16.70 -1.44
CA GLY B 71 11.95 -16.08 -0.63
C GLY B 71 10.85 -15.51 -1.51
N VAL B 72 9.77 -15.05 -0.89
CA VAL B 72 8.63 -14.58 -1.67
C VAL B 72 8.08 -13.21 -1.24
N ALA B 73 7.97 -12.30 -2.21
CA ALA B 73 7.42 -10.98 -1.95
C ALA B 73 5.90 -11.00 -2.15
N LEU B 74 5.15 -10.51 -1.17
CA LEU B 74 3.70 -10.52 -1.33
C LEU B 74 3.24 -9.17 -1.86
N ALA B 75 2.93 -9.16 -3.15
CA ALA B 75 2.79 -7.91 -3.90
C ALA B 75 1.49 -7.15 -3.68
N ASP B 76 0.43 -7.83 -3.21
CA ASP B 76 -0.88 -7.19 -2.99
C ASP B 76 -0.96 -6.51 -1.63
N GLN B 77 0.08 -6.73 -0.84
CA GLN B 77 0.26 -6.27 0.54
C GLN B 77 1.04 -4.97 0.63
N VAL B 78 1.05 -4.20 -0.45
CA VAL B 78 1.68 -2.88 -0.41
C VAL B 78 1.29 -2.08 0.83
N LYS B 79 2.28 -1.43 1.43
CA LYS B 79 2.10 -0.66 2.64
C LYS B 79 3.12 0.46 2.66
N SER B 80 2.69 1.63 3.09
CA SER B 80 3.57 2.76 3.32
C SER B 80 4.20 2.58 4.70
N ILE B 81 5.53 2.66 4.79
CA ILE B 81 6.18 2.47 6.09
C ILE B 81 7.16 3.58 6.39
N ALA B 82 7.27 3.96 7.65
CA ALA B 82 8.15 5.05 7.96
C ALA B 82 9.47 4.37 8.26
N TRP B 83 10.39 4.44 7.32
CA TRP B 83 11.61 3.67 7.45
C TRP B 83 12.47 4.33 8.48
N ARG B 84 12.66 5.64 8.32
CA ARG B 84 13.51 6.40 9.22
C ARG B 84 13.08 6.18 10.66
N ALA B 85 11.77 6.05 10.87
CA ALA B 85 11.22 5.83 12.21
C ALA B 85 11.22 4.38 12.72
N ARG B 86 10.82 3.44 11.88
CA ARG B 86 10.79 2.06 12.34
C ARG B 86 12.18 1.44 12.31
N GLY B 87 13.09 2.14 11.76
CA GLY B 87 14.47 1.69 11.60
C GLY B 87 14.41 0.83 10.35
N ALA B 88 15.42 0.93 9.50
CA ALA B 88 15.46 0.10 8.31
C ALA B 88 16.89 -0.18 7.91
N THR B 89 17.19 -1.43 7.64
CA THR B 89 18.54 -1.78 7.25
C THR B 89 18.49 -2.53 5.93
N LYS B 90 19.58 -2.48 5.18
CA LYS B 90 19.62 -3.07 3.86
C LYS B 90 20.19 -4.49 3.91
N LYS B 91 19.38 -5.49 3.53
CA LYS B 91 19.86 -6.86 3.30
C LYS B 91 20.53 -7.01 1.93
N GLY B 92 19.85 -6.51 0.91
CA GLY B 92 20.33 -6.58 -0.46
C GLY B 92 19.46 -5.81 -1.44
N THR B 93 19.60 -6.13 -2.73
CA THR B 93 18.76 -5.52 -3.75
C THR B 93 18.14 -6.66 -4.55
N VAL B 94 16.90 -6.44 -5.00
CA VAL B 94 16.23 -7.42 -5.85
C VAL B 94 16.65 -7.28 -7.31
N ALA B 95 16.53 -8.38 -8.05
CA ALA B 95 16.79 -8.37 -9.47
C ALA B 95 15.76 -7.48 -10.16
N PRO B 96 16.19 -6.74 -11.18
CA PRO B 96 15.31 -5.82 -11.90
C PRO B 96 14.00 -6.49 -12.34
N GLU B 97 14.09 -7.73 -12.79
CA GLU B 97 12.89 -8.45 -13.21
C GLU B 97 12.01 -8.81 -12.01
N GLU B 98 12.63 -9.03 -10.85
CA GLU B 98 11.87 -9.23 -9.62
C GLU B 98 11.11 -7.95 -9.27
N LEU B 99 11.75 -6.80 -9.47
CA LEU B 99 11.12 -5.51 -9.21
C LEU B 99 9.96 -5.25 -10.18
N GLN B 100 10.17 -5.54 -11.46
CA GLN B 100 9.13 -5.36 -12.45
C GLN B 100 7.91 -6.23 -12.21
N LEU B 101 8.13 -7.51 -11.95
CA LEU B 101 6.99 -8.40 -11.77
C LEU B 101 6.12 -7.97 -10.60
N ILE B 102 6.76 -7.49 -9.53
CA ILE B 102 6.01 -7.07 -8.34
C ILE B 102 5.08 -5.90 -8.66
N LYS B 103 5.62 -4.95 -9.42
CA LYS B 103 4.90 -3.77 -9.87
C LYS B 103 3.78 -4.14 -10.85
N ALA B 104 4.14 -4.98 -11.82
CA ALA B 104 3.19 -5.49 -12.80
C ALA B 104 1.97 -6.12 -12.15
N LYS B 105 2.15 -6.76 -11.00
CA LYS B 105 1.05 -7.44 -10.31
C LYS B 105 0.25 -6.40 -9.57
N ILE B 106 0.94 -5.37 -9.10
CA ILE B 106 0.25 -4.29 -8.44
C ILE B 106 -0.57 -3.59 -9.52
N ASN B 107 0.05 -3.35 -10.66
CA ASN B 107 -0.64 -2.68 -11.76
C ASN B 107 -1.93 -3.37 -12.13
N VAL B 108 -2.00 -4.67 -11.90
CA VAL B 108 -3.20 -5.42 -12.23
C VAL B 108 -4.28 -5.18 -11.19
N LEU B 109 -3.89 -5.28 -9.92
CA LEU B 109 -4.82 -5.12 -8.81
C LEU B 109 -5.42 -3.71 -8.76
N ILE B 110 -4.79 -2.79 -9.46
CA ILE B 110 -5.17 -1.39 -9.46
C ILE B 110 -5.71 -0.98 -10.83
N GLY B 111 -4.85 -1.09 -11.84
CA GLY B 111 -5.17 -0.62 -13.17
C GLY B 111 -4.45 0.67 -13.46
N LEU B 112 -3.46 0.99 -12.63
CA LEU B 112 -2.78 2.28 -12.67
C LEU B 112 -2.32 2.65 -14.07
N SER B 113 -2.63 3.88 -14.48
CA SER B 113 -2.30 4.38 -15.81
C SER B 113 -1.60 5.72 -15.70
N HIS C 1 5.97 13.70 5.24
CA HIS C 1 4.58 13.28 5.32
C HIS C 1 4.26 12.71 6.68
N GLU C 2 2.98 12.81 7.05
CA GLU C 2 2.48 12.21 8.29
C GLU C 2 1.96 10.79 8.03
N ASN C 3 2.53 9.82 8.74
CA ASN C 3 2.22 8.40 8.51
C ASN C 3 0.92 7.93 9.17
N ILE C 4 -0.03 7.49 8.35
CA ILE C 4 -1.34 7.05 8.85
C ILE C 4 -1.25 5.65 9.43
N ASP C 5 -1.90 5.44 10.56
CA ASP C 5 -1.83 4.16 11.25
C ASP C 5 -3.16 3.47 11.44
N TRP C 6 -3.18 2.20 11.13
CA TRP C 6 -4.39 1.39 11.25
C TRP C 6 -4.40 0.58 12.55
N GLY C 7 -3.42 0.82 13.41
CA GLY C 7 -3.30 0.11 14.67
C GLY C 7 -2.78 -1.32 14.53
N GLU C 8 -3.47 -2.26 15.15
CA GLU C 8 -3.05 -3.66 15.12
C GLU C 8 -3.47 -4.34 13.82
N PRO C 9 -2.53 -5.05 13.17
CA PRO C 9 -2.85 -5.79 11.94
C PRO C 9 -4.03 -6.73 12.15
N LYS C 10 -4.88 -6.83 11.14
CA LYS C 10 -6.12 -7.60 11.24
C LYS C 10 -6.22 -8.63 10.10
N ASP C 11 -6.75 -9.82 10.43
CA ASP C 11 -6.97 -10.91 9.49
C ASP C 11 -5.74 -11.31 8.66
N LYS C 12 -5.86 -11.19 7.34
CA LYS C 12 -4.81 -11.65 6.45
C LYS C 12 -3.69 -10.63 6.27
N GLU C 13 -3.84 -9.46 6.89
CA GLU C 13 -2.75 -8.49 6.88
C GLU C 13 -1.58 -9.11 7.62
N VAL C 14 -0.43 -9.18 6.96
CA VAL C 14 0.73 -9.83 7.56
C VAL C 14 1.55 -8.84 8.36
N TRP C 15 1.10 -7.60 8.37
CA TRP C 15 1.80 -6.57 9.09
C TRP C 15 1.03 -5.30 9.22
#